data_2QN4
#
_entry.id   2QN4
#
_cell.length_a   79.988
_cell.length_b   62.949
_cell.length_c   66.696
_cell.angle_alpha   90.00
_cell.angle_beta   90.00
_cell.angle_gamma   90.00
#
_symmetry.space_group_name_H-M   'P 21 21 2'
#
loop_
_entity.id
_entity.type
_entity.pdbx_description
1 polymer 'Alpha-amylase/subtilisin inhibitor'
2 water water
#
_entity_poly.entity_id   1
_entity_poly.type   'polypeptide(L)'
_entity_poly.pdbx_seq_one_letter_code
;MVSLRLPLILLSLLAISFSCSAAPPPVYDTEGHELSADGSYYVLPASPGHGGGLTMAPRVLPCPLLVAQETDERRKGFPV
RFTPWGGAAAPEDRTIRVSTDVRIRFNAATICVQSTEWHVGDEPLTGARRVVTGPLIGPSPSGRENAFRVEKYGGGYKLV
SCRDSCQDLGVSRDGARAWLGASQPPHVVVFKKARPSPPE
;
_entity_poly.pdbx_strand_id   A,B
#
# COMPACT_ATOMS: atom_id res chain seq x y z
N ALA A 23 -2.70 -24.22 19.32
CA ALA A 23 -1.67 -23.54 18.47
C ALA A 23 -2.16 -22.19 17.94
N PRO A 24 -1.23 -21.26 17.59
CA PRO A 24 -1.71 -20.01 17.00
C PRO A 24 -2.42 -20.30 15.67
N PRO A 25 -3.23 -19.36 15.17
CA PRO A 25 -3.99 -19.65 13.96
C PRO A 25 -3.10 -19.92 12.75
N PRO A 26 -3.61 -20.68 11.77
CA PRO A 26 -2.94 -20.87 10.52
C PRO A 26 -2.86 -19.55 9.73
N VAL A 27 -1.87 -19.45 8.86
CA VAL A 27 -1.84 -18.40 7.84
C VAL A 27 -2.78 -18.88 6.70
N TYR A 28 -3.58 -17.96 6.15
CA TYR A 28 -4.46 -18.30 5.03
C TYR A 28 -4.04 -17.65 3.73
N ASP A 29 -4.21 -18.35 2.62
CA ASP A 29 -3.95 -17.81 1.29
C ASP A 29 -5.12 -16.95 0.79
N THR A 30 -5.01 -16.40 -0.42
CA THR A 30 -6.01 -15.45 -0.91
C THR A 30 -7.36 -16.18 -1.19
N GLU A 31 -7.34 -17.51 -1.34
CA GLU A 31 -8.58 -18.31 -1.51
C GLU A 31 -9.16 -18.83 -0.19
N GLY A 32 -8.58 -18.38 0.91
CA GLY A 32 -8.95 -18.82 2.25
C GLY A 32 -8.52 -20.18 2.73
N HIS A 33 -7.65 -20.87 1.99
CA HIS A 33 -7.14 -22.12 2.46
C HIS A 33 -5.91 -21.91 3.34
N GLU A 34 -5.71 -22.79 4.29
CA GLU A 34 -4.50 -22.76 5.13
C GLU A 34 -3.26 -22.92 4.24
N LEU A 35 -2.23 -22.13 4.55
CA LEU A 35 -0.93 -22.31 3.94
C LEU A 35 -0.37 -23.61 4.36
N SER A 36 0.29 -24.25 3.40
CA SER A 36 0.95 -25.53 3.64
C SER A 36 2.43 -25.41 3.30
N ALA A 37 3.25 -26.19 3.99
CA ALA A 37 4.65 -26.30 3.65
C ALA A 37 4.83 -26.93 2.24
N ASP A 38 3.80 -27.64 1.77
CA ASP A 38 3.80 -28.28 0.46
C ASP A 38 3.54 -27.31 -0.73
N GLY A 39 2.87 -26.20 -0.48
CA GLY A 39 2.46 -25.27 -1.54
C GLY A 39 3.51 -24.20 -1.83
N SER A 40 3.32 -23.45 -2.91
CA SER A 40 4.17 -22.27 -3.22
C SER A 40 3.22 -21.11 -3.39
N TYR A 41 3.67 -19.93 -2.96
CA TYR A 41 2.77 -18.79 -2.86
C TYR A 41 3.45 -17.56 -3.34
N TYR A 42 2.84 -16.86 -4.28
CA TYR A 42 3.26 -15.50 -4.58
C TYR A 42 2.98 -14.60 -3.39
N VAL A 43 3.90 -13.65 -3.14
CA VAL A 43 3.77 -12.76 -1.99
C VAL A 43 3.44 -11.35 -2.51
N LEU A 44 2.15 -11.05 -2.52
CA LEU A 44 1.64 -9.86 -3.19
C LEU A 44 1.17 -8.83 -2.19
N PRO A 45 1.15 -7.55 -2.59
CA PRO A 45 0.60 -6.58 -1.64
C PRO A 45 -0.90 -6.83 -1.40
N ALA A 46 -1.35 -6.46 -0.21
CA ALA A 46 -2.73 -6.73 0.20
C ALA A 46 -3.70 -5.82 -0.52
N SER A 47 -3.19 -4.69 -1.04
CA SER A 47 -4.03 -3.70 -1.75
C SER A 47 -3.39 -3.21 -3.03
N PRO A 48 -4.19 -2.72 -4.01
CA PRO A 48 -3.62 -2.14 -5.22
C PRO A 48 -2.82 -0.86 -4.96
N GLY A 49 -1.90 -0.55 -5.86
CA GLY A 49 -1.13 0.70 -5.74
C GLY A 49 0.05 0.61 -4.81
N HIS A 50 0.46 -0.63 -4.52
CA HIS A 50 1.58 -0.87 -3.64
C HIS A 50 2.70 -1.68 -4.30
N GLY A 51 2.71 -1.72 -5.64
CA GLY A 51 3.80 -2.42 -6.35
C GLY A 51 3.42 -3.89 -6.58
N GLY A 52 4.40 -4.69 -6.96
CA GLY A 52 4.14 -6.07 -7.35
C GLY A 52 4.58 -7.10 -6.32
N GLY A 53 4.85 -8.31 -6.79
CA GLY A 53 5.26 -9.41 -5.87
C GLY A 53 6.76 -9.40 -5.54
N LEU A 54 7.22 -10.40 -4.79
CA LEU A 54 8.63 -10.42 -4.39
C LEU A 54 9.43 -11.24 -5.40
N THR A 55 10.65 -10.81 -5.62
CA THR A 55 11.58 -11.49 -6.53
C THR A 55 13.02 -11.54 -5.95
N MET A 56 13.94 -12.18 -6.66
CA MET A 56 15.33 -12.19 -6.27
C MET A 56 16.13 -11.49 -7.35
N ALA A 57 17.01 -10.60 -6.94
CA ALA A 57 17.73 -9.74 -7.90
C ALA A 57 19.09 -9.40 -7.34
N PRO A 58 20.12 -9.25 -8.21
CA PRO A 58 21.44 -8.87 -7.73
C PRO A 58 21.45 -7.41 -7.36
N ARG A 59 22.48 -7.05 -6.22
CA ARG A 59 22.55 -5.74 -5.83
C ARG A 59 23.81 -4.94 -6.27
N VAL A 60 25.12 -5.40 -6.12
CA VAL A 60 25.86 -4.79 -7.25
C VAL A 60 26.68 -5.87 -7.96
N LEU A 61 26.96 -6.76 -7.03
CA LEU A 61 27.57 -8.04 -7.35
C LEU A 61 26.49 -9.01 -7.86
N PRO A 62 26.79 -9.80 -8.89
CA PRO A 62 25.71 -10.62 -9.47
C PRO A 62 25.22 -11.73 -8.53
N CYS A 63 26.02 -12.07 -7.52
CA CYS A 63 25.66 -13.03 -6.48
C CYS A 63 26.16 -12.50 -5.13
N PRO A 64 25.43 -12.76 -4.02
CA PRO A 64 24.16 -13.46 -3.91
C PRO A 64 22.99 -12.55 -4.35
N LEU A 65 21.87 -13.18 -4.64
CA LEU A 65 20.65 -12.47 -4.97
C LEU A 65 20.01 -12.01 -3.67
N LEU A 66 19.40 -10.84 -3.69
CA LEU A 66 18.71 -10.27 -2.54
C LEU A 66 17.22 -10.29 -2.83
N VAL A 67 16.41 -10.14 -1.79
CA VAL A 67 14.96 -10.17 -2.00
C VAL A 67 14.47 -8.75 -2.31
N ALA A 68 13.90 -8.60 -3.50
CA ALA A 68 13.41 -7.30 -3.99
C ALA A 68 11.90 -7.36 -4.11
N GLN A 69 11.24 -6.20 -4.16
CA GLN A 69 9.86 -6.17 -4.56
C GLN A 69 9.78 -5.65 -5.99
N GLU A 70 9.03 -6.33 -6.83
CA GLU A 70 8.80 -5.79 -8.19
C GLU A 70 8.16 -4.41 -8.07
N THR A 71 8.70 -3.44 -8.80
CA THR A 71 8.09 -2.11 -8.83
C THR A 71 6.80 -2.12 -9.66
N ASP A 72 6.74 -3.01 -10.65
CA ASP A 72 5.57 -3.13 -11.54
C ASP A 72 4.47 -3.98 -10.87
N GLU A 73 3.32 -3.38 -10.63
CA GLU A 73 2.19 -4.08 -9.97
C GLU A 73 1.74 -5.34 -10.72
N ARG A 74 1.94 -5.38 -12.03
CA ARG A 74 1.48 -6.55 -12.79
C ARG A 74 2.39 -7.76 -12.65
N ARG A 75 3.58 -7.56 -12.07
CA ARG A 75 4.57 -8.63 -11.97
C ARG A 75 4.46 -9.34 -10.62
N LYS A 76 4.07 -10.62 -10.63
CA LYS A 76 3.87 -11.41 -9.38
C LYS A 76 5.16 -11.86 -8.73
N GLY A 77 6.27 -11.75 -9.46
CA GLY A 77 7.57 -12.22 -8.96
C GLY A 77 7.60 -13.73 -8.85
N PHE A 78 8.40 -14.25 -7.93
CA PHE A 78 8.56 -15.68 -7.78
C PHE A 78 7.82 -16.13 -6.54
N PRO A 79 7.23 -17.33 -6.58
CA PRO A 79 6.54 -17.83 -5.40
C PRO A 79 7.53 -18.35 -4.35
N VAL A 80 7.11 -18.33 -3.09
CA VAL A 80 7.94 -18.82 -1.98
C VAL A 80 7.37 -20.09 -1.39
N ARG A 81 8.24 -20.84 -0.71
CA ARG A 81 7.85 -22.02 0.04
C ARG A 81 8.22 -21.76 1.49
N PHE A 82 7.30 -22.12 2.39
CA PHE A 82 7.54 -22.00 3.84
C PHE A 82 7.87 -23.36 4.41
N THR A 83 8.80 -23.40 5.35
CA THR A 83 9.21 -24.67 6.01
C THR A 83 9.21 -24.43 7.51
N PRO A 84 8.36 -25.16 8.24
CA PRO A 84 8.36 -25.02 9.70
C PRO A 84 9.77 -25.23 10.28
N TRP A 85 10.10 -24.43 11.28
CA TRP A 85 11.41 -24.47 11.91
C TRP A 85 11.67 -25.89 12.44
N GLY A 86 12.84 -26.44 12.08
CA GLY A 86 13.22 -27.79 12.48
C GLY A 86 13.31 -28.68 11.26
N GLY A 87 12.69 -28.27 10.18
CA GLY A 87 12.75 -29.05 8.95
C GLY A 87 12.03 -30.38 9.03
N ALA A 88 12.68 -31.45 8.56
CA ALA A 88 12.10 -32.79 8.64
C ALA A 88 11.87 -33.22 10.07
N ALA A 89 12.58 -32.59 11.02
CA ALA A 89 12.39 -32.93 12.43
C ALA A 89 11.30 -32.09 13.09
N ALA A 90 10.69 -31.16 12.38
CA ALA A 90 9.56 -30.41 12.91
C ALA A 90 8.39 -31.40 13.05
N PRO A 91 7.42 -31.09 13.92
CA PRO A 91 6.17 -31.91 14.02
C PRO A 91 5.47 -32.21 12.67
N GLU A 92 4.70 -33.30 12.58
CA GLU A 92 4.12 -33.77 11.31
C GLU A 92 3.06 -32.81 10.73
N ASP A 93 2.41 -32.04 11.61
CA ASP A 93 1.49 -30.94 11.20
C ASP A 93 2.30 -29.81 10.62
N ARG A 94 2.40 -29.78 9.29
CA ARG A 94 3.22 -28.78 8.62
C ARG A 94 2.37 -27.61 8.05
N THR A 95 1.21 -27.39 8.67
CA THR A 95 0.39 -26.17 8.49
C THR A 95 1.25 -25.00 8.91
N ILE A 96 1.23 -23.94 8.12
CA ILE A 96 2.03 -22.76 8.42
C ILE A 96 1.17 -21.86 9.30
N ARG A 97 1.70 -21.47 10.45
CA ARG A 97 0.87 -20.71 11.42
C ARG A 97 1.49 -19.37 11.70
N VAL A 98 0.69 -18.42 12.18
CA VAL A 98 1.22 -17.10 12.58
C VAL A 98 2.11 -17.21 13.81
N SER A 99 2.99 -16.22 13.99
CA SER A 99 3.83 -16.08 15.19
C SER A 99 4.67 -17.33 15.51
N THR A 100 5.12 -18.01 14.47
CA THR A 100 5.81 -19.30 14.62
C THR A 100 7.04 -19.29 13.73
N ASP A 101 8.21 -19.67 14.25
CA ASP A 101 9.43 -19.63 13.43
C ASP A 101 9.25 -20.51 12.18
N VAL A 102 9.61 -19.94 11.03
CA VAL A 102 9.62 -20.63 9.74
C VAL A 102 10.83 -20.21 8.94
N ARG A 103 11.25 -21.06 7.99
CA ARG A 103 12.23 -20.69 7.01
C ARG A 103 11.46 -20.36 5.70
N ILE A 104 12.01 -19.50 4.88
CA ILE A 104 11.33 -19.10 3.65
C ILE A 104 12.36 -19.23 2.52
N ARG A 105 11.94 -19.79 1.38
CA ARG A 105 12.78 -19.76 0.22
C ARG A 105 11.98 -19.48 -1.05
N PHE A 106 12.65 -19.04 -2.11
CA PHE A 106 11.98 -18.94 -3.39
C PHE A 106 11.90 -20.33 -4.06
N ASN A 107 10.73 -20.67 -4.60
CA ASN A 107 10.55 -21.93 -5.33
C ASN A 107 10.84 -21.63 -6.79
N ALA A 108 12.13 -21.55 -7.12
CA ALA A 108 12.56 -21.12 -8.42
C ALA A 108 14.00 -21.48 -8.65
N ALA A 109 14.33 -21.80 -9.90
CA ALA A 109 15.72 -22.02 -10.28
C ALA A 109 16.45 -20.69 -10.20
N THR A 110 17.70 -20.76 -9.77
CA THR A 110 18.50 -19.56 -9.59
C THR A 110 19.78 -19.49 -10.45
N ILE A 111 20.07 -18.29 -10.95
CA ILE A 111 21.23 -18.02 -11.77
C ILE A 111 22.55 -18.06 -10.97
N CYS A 112 22.44 -18.14 -9.64
CA CYS A 112 23.62 -18.08 -8.78
C CYS A 112 24.12 -19.42 -8.27
N VAL A 113 23.35 -20.48 -8.53
CA VAL A 113 23.70 -21.83 -8.07
C VAL A 113 23.97 -21.78 -6.58
N GLN A 114 23.09 -21.09 -5.86
CA GLN A 114 23.17 -21.02 -4.41
C GLN A 114 21.78 -21.27 -3.84
N SER A 115 21.71 -21.49 -2.54
CA SER A 115 20.45 -21.62 -1.85
C SER A 115 19.55 -20.41 -2.15
N THR A 116 18.25 -20.66 -2.32
CA THR A 116 17.27 -19.56 -2.47
C THR A 116 16.61 -19.22 -1.14
N GLU A 117 17.11 -19.83 -0.07
CA GLU A 117 16.61 -19.53 1.28
C GLU A 117 16.94 -18.10 1.74
N TRP A 118 15.98 -17.47 2.39
CA TRP A 118 16.16 -16.10 2.84
C TRP A 118 16.94 -16.09 4.16
N HIS A 119 17.78 -15.08 4.36
CA HIS A 119 18.29 -14.80 5.70
C HIS A 119 18.64 -13.30 5.85
N VAL A 120 18.91 -12.89 7.07
CA VAL A 120 19.30 -11.53 7.37
C VAL A 120 20.64 -11.60 8.11
N GLY A 121 21.57 -10.71 7.83
CA GLY A 121 22.86 -10.74 8.54
C GLY A 121 22.79 -10.36 10.00
N ARG A 129 19.65 -5.48 8.00
CA ARG A 129 19.06 -4.63 6.98
C ARG A 129 18.39 -5.50 5.94
N ARG A 130 19.04 -5.72 4.78
CA ARG A 130 18.41 -6.39 3.64
C ARG A 130 18.26 -7.91 3.77
N VAL A 131 17.24 -8.45 3.10
CA VAL A 131 17.05 -9.90 3.13
C VAL A 131 17.81 -10.47 1.92
N VAL A 132 18.68 -11.44 2.19
CA VAL A 132 19.58 -11.99 1.17
C VAL A 132 19.37 -13.48 1.04
N THR A 133 19.78 -14.06 -0.09
CA THR A 133 19.74 -15.50 -0.25
C THR A 133 21.16 -16.08 -0.21
N GLY A 134 21.33 -17.36 -0.55
CA GLY A 134 22.67 -17.92 -0.63
C GLY A 134 23.22 -18.31 0.71
N PRO A 135 24.53 -18.60 0.77
CA PRO A 135 25.13 -19.17 1.99
C PRO A 135 25.20 -18.18 3.15
N LEU A 136 25.16 -18.67 4.39
CA LEU A 136 25.39 -17.80 5.56
C LEU A 136 26.84 -17.36 5.64
N GLY A 143 23.31 -17.56 15.29
CA GLY A 143 22.32 -18.46 14.74
C GLY A 143 21.06 -17.73 14.31
N ARG A 144 20.05 -18.49 13.94
CA ARG A 144 18.75 -17.91 13.57
C ARG A 144 18.70 -16.87 12.42
N GLU A 145 19.75 -16.77 11.59
CA GLU A 145 19.74 -15.72 10.55
C GLU A 145 18.59 -15.93 9.55
N ASN A 146 18.17 -17.20 9.44
CA ASN A 146 17.13 -17.60 8.51
C ASN A 146 15.74 -17.78 9.15
N ALA A 147 15.59 -17.28 10.37
CA ALA A 147 14.28 -17.43 11.06
C ALA A 147 13.38 -16.24 10.80
N PHE A 148 12.17 -16.52 10.34
CA PHE A 148 11.15 -15.50 10.08
C PHE A 148 9.82 -15.92 10.73
N ARG A 149 8.87 -15.00 10.77
CA ARG A 149 7.53 -15.35 11.19
C ARG A 149 6.60 -14.55 10.30
N VAL A 150 5.34 -15.01 10.25
CA VAL A 150 4.29 -14.27 9.62
C VAL A 150 3.32 -13.85 10.72
N GLU A 151 2.85 -12.61 10.65
CA GLU A 151 1.93 -12.08 11.65
C GLU A 151 0.76 -11.47 10.92
N LYS A 152 -0.46 -11.70 11.43
CA LYS A 152 -1.62 -11.01 10.87
C LYS A 152 -1.40 -9.51 11.08
N TYR A 153 -1.67 -8.73 10.05
CA TYR A 153 -1.47 -7.29 10.16
C TYR A 153 -2.22 -6.53 9.08
N GLY A 154 -2.99 -5.50 9.49
CA GLY A 154 -3.75 -4.71 8.52
C GLY A 154 -4.69 -5.54 7.68
N GLY A 155 -4.68 -5.35 6.38
CA GLY A 155 -5.55 -6.16 5.53
C GLY A 155 -4.98 -7.50 5.10
N GLY A 156 -3.87 -7.91 5.71
CA GLY A 156 -3.22 -9.16 5.33
C GLY A 156 -2.28 -9.64 6.43
N TYR A 157 -1.01 -9.80 6.07
CA TYR A 157 0.04 -10.24 6.93
C TYR A 157 1.25 -9.34 6.78
N LYS A 158 2.11 -9.33 7.79
CA LYS A 158 3.46 -8.81 7.61
C LYS A 158 4.44 -9.98 7.81
N LEU A 159 5.60 -9.86 7.18
CA LEU A 159 6.70 -10.81 7.42
C LEU A 159 7.65 -10.18 8.42
N VAL A 160 8.27 -11.00 9.25
CA VAL A 160 9.13 -10.48 10.28
C VAL A 160 10.40 -11.31 10.31
N SER A 161 11.54 -10.65 10.45
CA SER A 161 12.82 -11.36 10.69
C SER A 161 12.95 -11.55 12.18
N CYS A 162 13.19 -12.79 12.67
CA CYS A 162 13.29 -12.99 14.14
C CYS A 162 14.63 -13.62 14.56
N ARG A 163 15.72 -13.07 14.03
CA ARG A 163 17.06 -13.53 14.33
C ARG A 163 17.30 -13.39 15.83
N ASP A 164 17.08 -12.20 16.37
CA ASP A 164 17.08 -12.01 17.82
C ASP A 164 15.67 -11.58 18.22
N SER A 165 15.39 -10.28 18.28
CA SER A 165 14.01 -9.86 18.46
C SER A 165 13.32 -9.80 17.08
N CYS A 166 12.00 -9.79 17.08
CA CYS A 166 11.25 -9.71 15.83
C CYS A 166 11.30 -8.32 15.24
N GLN A 167 11.72 -8.24 13.99
CA GLN A 167 11.79 -6.95 13.32
C GLN A 167 10.92 -7.03 12.05
N ASP A 168 10.01 -6.10 11.86
CA ASP A 168 9.13 -6.13 10.67
C ASP A 168 9.96 -5.89 9.44
N LEU A 169 9.58 -6.56 8.36
CA LEU A 169 10.18 -6.33 7.04
C LEU A 169 9.35 -5.37 6.22
N GLY A 170 10.02 -4.39 5.65
CA GLY A 170 9.37 -3.37 4.83
C GLY A 170 10.19 -3.22 3.55
N VAL A 171 9.73 -2.38 2.65
CA VAL A 171 10.41 -2.18 1.37
C VAL A 171 10.98 -0.78 1.31
N SER A 172 12.17 -0.68 0.71
CA SER A 172 12.93 0.58 0.55
C SER A 172 13.37 0.70 -0.89
N ARG A 173 12.90 1.74 -1.55
CA ARG A 173 13.31 2.02 -2.91
C ARG A 173 14.77 2.49 -2.90
N ASP A 174 15.57 1.95 -3.81
CA ASP A 174 17.01 2.19 -3.83
C ASP A 174 17.40 2.26 -5.31
N GLY A 175 17.23 3.45 -5.90
CA GLY A 175 17.46 3.63 -7.32
C GLY A 175 16.44 2.86 -8.14
N ALA A 176 16.92 1.92 -8.93
CA ALA A 176 16.06 1.19 -9.88
C ALA A 176 15.27 0.06 -9.20
N ARG A 177 15.65 -0.22 -7.96
CA ARG A 177 15.22 -1.42 -7.29
C ARG A 177 14.52 -1.05 -5.99
N ALA A 178 13.68 -1.96 -5.50
CA ALA A 178 13.04 -1.80 -4.19
C ALA A 178 13.40 -3.05 -3.38
N TRP A 179 13.99 -2.89 -2.19
CA TRP A 179 14.55 -4.05 -1.46
C TRP A 179 13.78 -4.31 -0.22
N LEU A 180 13.60 -5.59 0.09
CA LEU A 180 12.97 -6.02 1.34
C LEU A 180 14.02 -6.06 2.46
N GLY A 181 13.72 -5.41 3.56
CA GLY A 181 14.66 -5.34 4.67
C GLY A 181 13.94 -5.03 5.96
N ALA A 182 14.67 -5.07 7.07
CA ALA A 182 14.16 -4.56 8.35
C ALA A 182 13.89 -3.06 8.31
N SER A 183 12.62 -2.67 8.34
CA SER A 183 12.25 -1.25 8.20
C SER A 183 10.77 -0.96 8.47
N GLN A 184 10.48 0.30 8.74
CA GLN A 184 9.11 0.76 8.96
C GLN A 184 8.71 1.64 7.78
N PRO A 185 7.44 1.55 7.34
CA PRO A 185 6.40 0.67 7.86
C PRO A 185 6.50 -0.76 7.26
N PRO A 186 5.85 -1.74 7.91
CA PRO A 186 5.90 -3.11 7.35
C PRO A 186 5.22 -3.17 6.02
N HIS A 187 5.70 -4.06 5.15
CA HIS A 187 5.08 -4.27 3.82
C HIS A 187 3.95 -5.29 4.01
N VAL A 188 2.69 -4.87 3.84
CA VAL A 188 1.53 -5.76 4.07
C VAL A 188 1.25 -6.61 2.85
N VAL A 189 1.16 -7.92 3.06
CA VAL A 189 1.09 -8.90 1.97
C VAL A 189 -0.02 -9.96 2.11
N VAL A 190 -0.40 -10.58 1.00
CA VAL A 190 -1.26 -11.77 1.01
C VAL A 190 -0.54 -12.83 0.18
N PHE A 191 -0.96 -14.09 0.29
CA PHE A 191 -0.24 -15.20 -0.30
C PHE A 191 -1.17 -15.84 -1.31
N LYS A 192 -0.81 -15.69 -2.58
CA LYS A 192 -1.61 -16.25 -3.67
C LYS A 192 -1.00 -17.60 -4.10
N LYS A 193 -1.75 -18.69 -3.89
CA LYS A 193 -1.17 -20.01 -4.17
C LYS A 193 -0.92 -20.15 -5.65
N ALA A 194 0.29 -20.61 -6.00
CA ALA A 194 0.72 -20.81 -7.37
C ALA A 194 0.14 -22.14 -7.85
N ALA B 23 9.38 14.95 -16.37
CA ALA B 23 8.19 14.58 -15.53
C ALA B 23 7.11 15.65 -15.65
N PRO B 24 5.82 15.28 -15.42
CA PRO B 24 4.77 16.30 -15.37
C PRO B 24 5.04 17.30 -14.27
N PRO B 25 4.42 18.49 -14.32
CA PRO B 25 4.61 19.47 -13.25
C PRO B 25 4.22 18.97 -11.86
N PRO B 26 4.87 19.44 -10.81
CA PRO B 26 4.40 19.21 -9.46
C PRO B 26 3.05 19.90 -9.19
N VAL B 27 2.33 19.39 -8.20
CA VAL B 27 1.17 20.09 -7.68
C VAL B 27 1.75 21.05 -6.63
N TYR B 28 1.18 22.24 -6.50
CA TYR B 28 1.63 23.26 -5.54
C TYR B 28 0.57 23.57 -4.53
N ASP B 29 0.99 23.84 -3.31
CA ASP B 29 0.07 24.20 -2.23
C ASP B 29 -0.27 25.71 -2.21
N THR B 30 -1.14 26.14 -1.29
CA THR B 30 -1.60 27.55 -1.29
C THR B 30 -0.46 28.54 -1.07
N GLU B 31 0.65 28.06 -0.49
CA GLU B 31 1.82 28.88 -0.17
C GLU B 31 2.88 28.81 -1.27
N GLY B 32 2.50 28.16 -2.38
CA GLY B 32 3.37 27.98 -3.55
C GLY B 32 4.47 26.90 -3.49
N HIS B 33 4.41 26.01 -2.49
CA HIS B 33 5.42 24.96 -2.33
C HIS B 33 4.92 23.65 -2.93
N GLU B 34 5.82 22.89 -3.56
CA GLU B 34 5.48 21.58 -4.08
C GLU B 34 4.83 20.69 -3.02
N LEU B 35 3.79 19.97 -3.44
CA LEU B 35 3.20 18.93 -2.61
C LEU B 35 4.18 17.79 -2.48
N SER B 36 4.29 17.25 -1.27
CA SER B 36 5.06 16.04 -1.07
C SER B 36 4.24 14.95 -0.37
N ALA B 37 4.63 13.69 -0.62
CA ALA B 37 4.06 12.55 0.08
C ALA B 37 4.12 12.71 1.59
N ASP B 38 5.08 13.51 2.06
CA ASP B 38 5.31 13.67 3.48
C ASP B 38 4.37 14.68 4.17
N GLY B 39 3.73 15.55 3.40
CA GLY B 39 2.88 16.61 3.96
C GLY B 39 1.42 16.19 4.08
N SER B 40 0.62 16.96 4.81
CA SER B 40 -0.84 16.80 4.89
C SER B 40 -1.46 18.11 4.43
N TYR B 41 -2.57 18.02 3.68
CA TYR B 41 -3.16 19.19 3.06
C TYR B 41 -4.67 19.16 3.14
N TYR B 42 -5.26 20.23 3.68
CA TYR B 42 -6.69 20.45 3.55
C TYR B 42 -7.05 20.71 2.10
N VAL B 43 -8.23 20.25 1.70
CA VAL B 43 -8.62 20.30 0.32
C VAL B 43 -9.78 21.27 0.23
N LEU B 44 -9.47 22.51 -0.10
CA LEU B 44 -10.42 23.62 0.01
C LEU B 44 -10.85 24.11 -1.37
N PRO B 45 -12.04 24.73 -1.47
CA PRO B 45 -12.40 25.25 -2.80
C PRO B 45 -11.47 26.35 -3.24
N ALA B 46 -11.29 26.47 -4.56
CA ALA B 46 -10.36 27.45 -5.13
C ALA B 46 -10.90 28.87 -5.00
N SER B 47 -12.22 29.00 -4.82
CA SER B 47 -12.88 30.30 -4.74
C SER B 47 -13.84 30.34 -3.57
N PRO B 48 -14.13 31.55 -3.04
CA PRO B 48 -15.15 31.66 -2.00
C PRO B 48 -16.55 31.31 -2.51
N GLY B 49 -17.43 30.95 -1.58
CA GLY B 49 -18.82 30.71 -1.97
C GLY B 49 -19.07 29.33 -2.53
N HIS B 50 -18.10 28.43 -2.29
CA HIS B 50 -18.16 27.07 -2.76
C HIS B 50 -18.11 26.02 -1.64
N GLY B 51 -18.38 26.42 -0.40
CA GLY B 51 -18.50 25.43 0.70
C GLY B 51 -17.12 25.27 1.37
N GLY B 52 -17.00 24.25 2.20
CA GLY B 52 -15.80 24.09 3.05
C GLY B 52 -14.88 22.98 2.54
N GLY B 53 -14.07 22.41 3.44
CA GLY B 53 -13.09 21.38 3.01
C GLY B 53 -13.72 20.00 2.97
N LEU B 54 -12.89 18.98 2.75
CA LEU B 54 -13.41 17.62 2.65
C LEU B 54 -13.34 16.90 4.00
N THR B 55 -14.30 16.03 4.23
CA THR B 55 -14.38 15.26 5.47
C THR B 55 -14.87 13.84 5.21
N MET B 56 -15.10 13.06 6.27
CA MET B 56 -15.73 11.73 6.14
C MET B 56 -17.06 11.65 6.87
N ALA B 57 -18.06 11.03 6.28
CA ALA B 57 -19.35 10.88 6.96
C ALA B 57 -20.07 9.60 6.56
N PRO B 58 -20.86 9.00 7.50
CA PRO B 58 -21.65 7.84 7.08
C PRO B 58 -22.87 8.20 6.23
N ARG B 59 -23.07 7.08 5.10
CA ARG B 59 -24.37 6.97 4.45
C ARG B 59 -25.13 5.96 5.32
N VAL B 60 -26.15 5.28 5.15
CA VAL B 60 -27.15 5.06 6.22
C VAL B 60 -26.34 4.45 7.38
N LEU B 61 -25.82 3.30 6.70
CA LEU B 61 -24.98 2.45 7.56
C LEU B 61 -23.79 3.22 8.15
N PRO B 62 -23.46 2.92 9.47
CA PRO B 62 -22.42 3.66 10.15
C PRO B 62 -21.02 3.46 9.55
N CYS B 63 -20.82 2.34 8.84
CA CYS B 63 -19.56 2.08 8.12
C CYS B 63 -19.84 1.48 6.75
N PRO B 64 -18.95 1.76 5.78
CA PRO B 64 -17.79 2.64 5.87
C PRO B 64 -18.17 4.12 5.78
N LEU B 65 -17.20 4.97 6.01
CA LEU B 65 -17.39 6.40 5.84
C LEU B 65 -17.10 6.81 4.41
N LEU B 66 -17.90 7.77 3.92
CA LEU B 66 -17.78 8.23 2.56
C LEU B 66 -17.12 9.61 2.61
N VAL B 67 -16.60 10.05 1.47
CA VAL B 67 -15.95 11.37 1.45
C VAL B 67 -17.03 12.42 1.15
N ALA B 68 -17.12 13.40 2.05
CA ALA B 68 -18.14 14.45 1.95
C ALA B 68 -17.45 15.78 1.94
N GLN B 69 -18.18 16.82 1.54
CA GLN B 69 -17.64 18.16 1.60
C GLN B 69 -18.36 18.86 2.74
N GLU B 70 -17.62 19.59 3.56
CA GLU B 70 -18.25 20.43 4.59
C GLU B 70 -19.11 21.49 3.92
N THR B 71 -20.35 21.63 4.40
CA THR B 71 -21.27 22.67 3.89
C THR B 71 -20.88 24.09 4.39
N ASP B 72 -20.23 24.13 5.56
CA ASP B 72 -19.87 25.38 6.19
C ASP B 72 -18.50 25.75 5.65
N GLU B 73 -18.45 26.90 4.98
CA GLU B 73 -17.23 27.40 4.36
C GLU B 73 -16.07 27.59 5.31
N ARG B 74 -16.36 27.79 6.58
CA ARG B 74 -15.28 28.02 7.52
C ARG B 74 -14.62 26.73 8.01
N ARG B 75 -15.25 25.57 7.74
CA ARG B 75 -14.75 24.28 8.20
C ARG B 75 -13.81 23.68 7.15
N LYS B 76 -12.54 23.51 7.53
CA LYS B 76 -11.51 23.00 6.58
C LYS B 76 -11.57 21.49 6.38
N GLY B 77 -12.28 20.78 7.26
CA GLY B 77 -12.45 19.32 7.21
C GLY B 77 -11.18 18.66 7.70
N PHE B 78 -10.85 17.48 7.15
CA PHE B 78 -9.63 16.75 7.55
C PHE B 78 -8.63 16.87 6.42
N PRO B 79 -7.32 16.96 6.75
CA PRO B 79 -6.33 17.06 5.69
C PRO B 79 -6.06 15.67 5.07
N VAL B 80 -5.56 15.64 3.85
CA VAL B 80 -5.27 14.39 3.18
C VAL B 80 -3.78 14.19 3.00
N ARG B 81 -3.39 12.91 2.81
CA ARG B 81 -2.03 12.57 2.42
C ARG B 81 -2.09 11.92 1.07
N PHE B 82 -1.18 12.29 0.18
CA PHE B 82 -1.04 11.67 -1.17
C PHE B 82 0.17 10.72 -1.19
N THR B 83 -0.02 9.58 -1.81
CA THR B 83 1.08 8.61 -1.94
C THR B 83 1.24 8.25 -3.41
N PRO B 84 2.41 8.51 -4.01
CA PRO B 84 2.57 8.07 -5.40
C PRO B 84 2.30 6.57 -5.58
N TRP B 85 1.78 6.22 -6.75
CA TRP B 85 1.34 4.89 -7.04
C TRP B 85 2.56 3.98 -6.91
N GLY B 86 2.41 2.90 -6.16
CA GLY B 86 3.45 1.91 -5.96
C GLY B 86 3.89 1.92 -4.51
N GLY B 87 3.54 2.96 -3.77
CA GLY B 87 3.91 2.99 -2.34
C GLY B 87 5.41 3.03 -2.12
N ALA B 88 5.92 2.18 -1.24
CA ALA B 88 7.37 2.15 -0.97
C ALA B 88 8.22 1.75 -2.18
N ALA B 89 7.60 1.10 -3.15
CA ALA B 89 8.26 0.69 -4.37
C ALA B 89 8.21 1.74 -5.46
N ALA B 90 7.58 2.88 -5.19
CA ALA B 90 7.54 3.97 -6.18
C ALA B 90 8.96 4.58 -6.28
N PRO B 91 9.28 5.21 -7.42
CA PRO B 91 10.53 5.95 -7.59
C PRO B 91 10.82 6.85 -6.38
N GLU B 92 12.09 7.12 -6.12
CA GLU B 92 12.51 7.90 -4.94
C GLU B 92 11.95 9.32 -4.81
N ASP B 93 11.74 9.99 -5.94
CA ASP B 93 11.16 11.34 -5.93
C ASP B 93 9.69 11.27 -5.60
N ARG B 94 9.38 11.65 -4.37
CA ARG B 94 7.99 11.51 -3.86
C ARG B 94 7.27 12.86 -3.90
N THR B 95 7.76 13.74 -4.76
CA THR B 95 7.00 14.92 -5.19
C THR B 95 5.68 14.48 -5.80
N ILE B 96 4.59 15.11 -5.37
CA ILE B 96 3.28 14.84 -5.95
C ILE B 96 3.13 15.67 -7.22
N ARG B 97 2.91 14.99 -8.33
CA ARG B 97 2.82 15.65 -9.63
C ARG B 97 1.44 15.52 -10.24
N VAL B 98 1.12 16.40 -11.18
CA VAL B 98 -0.14 16.30 -11.93
C VAL B 98 -0.15 15.11 -12.90
N SER B 99 -1.36 14.65 -13.25
CA SER B 99 -1.61 13.59 -14.24
C SER B 99 -0.87 12.29 -13.94
N THR B 100 -0.70 11.98 -12.66
CA THR B 100 0.15 10.88 -12.22
C THR B 100 -0.69 10.08 -11.20
N ASP B 101 -0.78 8.76 -11.38
CA ASP B 101 -1.61 7.93 -10.43
C ASP B 101 -1.07 8.16 -9.02
N VAL B 102 -2.00 8.40 -8.08
CA VAL B 102 -1.68 8.54 -6.67
C VAL B 102 -2.78 7.92 -5.84
N ARG B 103 -2.44 7.53 -4.60
CA ARG B 103 -3.46 7.15 -3.61
C ARG B 103 -3.68 8.37 -2.70
N ILE B 104 -4.86 8.45 -2.11
CA ILE B 104 -5.24 9.56 -1.27
C ILE B 104 -5.86 8.98 -0.01
N ARG B 105 -5.47 9.49 1.16
CA ARG B 105 -6.20 9.10 2.36
C ARG B 105 -6.35 10.29 3.31
N PHE B 106 -7.32 10.23 4.22
CA PHE B 106 -7.37 11.25 5.26
C PHE B 106 -6.31 10.96 6.36
N ASN B 107 -5.66 12.01 6.83
CA ASN B 107 -4.81 11.91 7.99
C ASN B 107 -5.68 12.13 9.25
N ALA B 108 -6.32 11.05 9.70
CA ALA B 108 -7.29 11.09 10.81
C ALA B 108 -7.75 9.69 11.20
N ALA B 109 -8.14 9.51 12.46
CA ALA B 109 -8.55 8.20 12.96
C ALA B 109 -10.08 8.08 12.98
N THR B 110 -10.59 6.87 12.76
CA THR B 110 -12.02 6.72 12.52
C THR B 110 -12.71 5.67 13.41
N ILE B 111 -13.88 6.02 13.96
CA ILE B 111 -14.67 5.10 14.79
C ILE B 111 -14.91 3.76 14.09
N CYS B 112 -14.83 3.76 12.75
CA CYS B 112 -14.98 2.54 11.98
C CYS B 112 -13.79 1.57 12.05
N VAL B 113 -12.63 2.06 12.51
CA VAL B 113 -11.39 1.27 12.54
C VAL B 113 -11.18 0.62 11.18
N GLN B 114 -11.34 1.43 10.14
CA GLN B 114 -11.08 0.97 8.78
C GLN B 114 -10.11 1.93 8.14
N SER B 115 -9.53 1.53 7.01
CA SER B 115 -8.63 2.39 6.25
C SER B 115 -9.30 3.72 5.92
N THR B 116 -8.55 4.82 6.00
CA THR B 116 -9.09 6.13 5.56
C THR B 116 -8.68 6.45 4.13
N GLU B 117 -8.14 5.45 3.45
CA GLU B 117 -7.78 5.61 2.03
C GLU B 117 -9.03 5.67 1.18
N TRP B 118 -9.02 6.55 0.16
CA TRP B 118 -10.18 6.71 -0.71
C TRP B 118 -10.24 5.65 -1.80
N HIS B 119 -11.44 5.20 -2.14
CA HIS B 119 -11.61 4.46 -3.38
C HIS B 119 -12.98 4.69 -4.00
N VAL B 120 -13.17 4.22 -5.22
CA VAL B 120 -14.46 4.28 -5.90
C VAL B 120 -14.83 2.84 -6.24
N GLY B 121 -16.12 2.51 -6.32
CA GLY B 121 -16.50 1.17 -6.77
C GLY B 121 -16.92 1.11 -8.23
N ARG B 129 -19.24 5.84 -8.66
CA ARG B 129 -19.94 7.04 -8.20
C ARG B 129 -19.28 7.59 -6.94
N ARG B 130 -19.80 7.27 -5.75
CA ARG B 130 -19.29 7.92 -4.53
C ARG B 130 -17.87 7.53 -4.14
N VAL B 131 -17.16 8.45 -3.49
CA VAL B 131 -15.84 8.11 -2.97
C VAL B 131 -16.01 7.62 -1.54
N VAL B 132 -15.48 6.45 -1.27
CA VAL B 132 -15.69 5.77 -0.01
C VAL B 132 -14.36 5.37 0.58
N THR B 133 -14.35 5.07 1.87
CA THR B 133 -13.11 4.63 2.50
C THR B 133 -13.29 3.18 2.92
N GLY B 134 -12.35 2.66 3.69
CA GLY B 134 -12.45 1.30 4.21
C GLY B 134 -12.00 0.25 3.20
N PRO B 135 -12.30 -1.03 3.47
CA PRO B 135 -11.75 -2.10 2.62
C PRO B 135 -12.29 -2.12 1.20
N LEU B 136 -11.31 -2.36 0.32
CA LEU B 136 -11.43 -2.92 -1.13
C LEU B 136 -10.87 -2.40 -2.46
N GLY B 143 -7.14 -3.55 -9.06
CA GLY B 143 -8.42 -3.22 -9.67
C GLY B 143 -8.61 -1.71 -9.77
N ARG B 144 -7.26 -1.08 -9.32
CA ARG B 144 -7.20 0.39 -9.44
C ARG B 144 -8.34 1.18 -8.78
N GLU B 145 -9.10 0.58 -7.87
CA GLU B 145 -10.27 1.30 -7.32
C GLU B 145 -9.81 2.53 -6.52
N ASN B 146 -8.59 2.44 -6.01
CA ASN B 146 -8.00 3.49 -5.17
C ASN B 146 -7.02 4.43 -5.92
N ALA B 147 -7.07 4.43 -7.26
CA ALA B 147 -6.17 5.27 -8.10
C ALA B 147 -6.85 6.58 -8.43
N PHE B 148 -6.20 7.68 -8.06
CA PHE B 148 -6.65 9.02 -8.41
C PHE B 148 -5.57 9.80 -9.17
N ARG B 149 -5.93 10.96 -9.73
CA ARG B 149 -4.94 11.89 -10.23
C ARG B 149 -5.39 13.27 -9.85
N VAL B 150 -4.42 14.19 -9.79
CA VAL B 150 -4.69 15.62 -9.66
C VAL B 150 -4.38 16.24 -11.04
N GLU B 151 -5.28 17.09 -11.51
CA GLU B 151 -5.08 17.81 -12.77
C GLU B 151 -5.23 19.32 -12.57
N LYS B 152 -4.38 20.12 -13.23
CA LYS B 152 -4.54 21.56 -13.15
C LYS B 152 -5.84 21.90 -13.89
N TYR B 153 -6.67 22.72 -13.28
CA TYR B 153 -7.97 23.03 -13.89
C TYR B 153 -8.54 24.29 -13.28
N GLY B 154 -9.03 25.21 -14.12
CA GLY B 154 -9.60 26.47 -13.65
C GLY B 154 -8.66 27.26 -12.76
N GLY B 155 -9.16 27.70 -11.61
CA GLY B 155 -8.33 28.44 -10.66
C GLY B 155 -7.56 27.60 -9.65
N GLY B 156 -7.45 26.29 -9.92
CA GLY B 156 -6.74 25.41 -9.00
C GLY B 156 -6.54 24.06 -9.67
N TYR B 157 -7.09 23.03 -9.04
CA TYR B 157 -6.89 21.68 -9.49
C TYR B 157 -8.23 20.99 -9.45
N LYS B 158 -8.40 19.94 -10.23
CA LYS B 158 -9.48 19.00 -9.96
C LYS B 158 -8.92 17.63 -9.54
N LEU B 159 -9.72 16.86 -8.82
CA LEU B 159 -9.35 15.49 -8.54
C LEU B 159 -10.09 14.59 -9.50
N VAL B 160 -9.43 13.50 -9.88
CA VAL B 160 -10.04 12.60 -10.81
C VAL B 160 -9.88 11.18 -10.29
N SER B 161 -10.89 10.35 -10.48
CA SER B 161 -10.78 8.92 -10.19
C SER B 161 -10.32 8.27 -11.51
N CYS B 162 -9.35 7.38 -11.46
CA CYS B 162 -8.87 6.75 -12.70
C CYS B 162 -8.79 5.24 -12.57
N ARG B 163 -9.82 4.66 -11.89
CA ARG B 163 -9.85 3.11 -11.84
C ARG B 163 -9.50 2.65 -13.31
N ASP B 164 -10.41 3.10 -14.22
CA ASP B 164 -10.43 2.83 -15.69
C ASP B 164 -10.25 4.08 -16.52
N SER B 165 -11.24 4.80 -17.17
CA SER B 165 -10.75 6.10 -17.59
C SER B 165 -10.92 7.12 -16.49
N CYS B 166 -10.26 8.27 -16.66
CA CYS B 166 -10.32 9.40 -15.75
C CYS B 166 -11.68 10.05 -15.76
N GLN B 167 -12.27 10.09 -14.51
CA GLN B 167 -13.57 10.65 -14.33
C GLN B 167 -13.43 11.77 -13.30
N ASP B 168 -13.88 12.97 -13.62
CA ASP B 168 -13.77 14.13 -12.70
C ASP B 168 -14.56 13.85 -11.44
N LEU B 169 -14.10 14.34 -10.30
CA LEU B 169 -14.90 14.26 -9.07
C LEU B 169 -15.53 15.62 -8.79
N GLY B 170 -16.81 15.61 -8.48
CA GLY B 170 -17.57 16.81 -8.14
C GLY B 170 -18.37 16.52 -6.89
N VAL B 171 -19.12 17.51 -6.42
CA VAL B 171 -19.90 17.33 -5.20
C VAL B 171 -21.38 17.33 -5.55
N SER B 172 -22.15 16.50 -4.84
CA SER B 172 -23.62 16.43 -5.01
C SER B 172 -24.31 16.52 -3.66
N ARG B 173 -25.21 17.47 -3.49
CA ARG B 173 -25.92 17.62 -2.22
C ARG B 173 -26.97 16.52 -2.15
N ASP B 174 -27.05 15.88 -0.99
CA ASP B 174 -27.94 14.74 -0.77
C ASP B 174 -28.53 14.85 0.64
N GLY B 175 -29.69 15.52 0.73
CA GLY B 175 -30.27 15.85 2.04
C GLY B 175 -29.34 16.79 2.81
N ALA B 176 -28.90 16.34 3.99
CA ALA B 176 -28.07 17.15 4.87
C ALA B 176 -26.58 17.11 4.47
N ARG B 177 -26.22 16.19 3.58
CA ARG B 177 -24.81 15.92 3.28
C ARG B 177 -24.49 16.32 1.85
N ALA B 178 -23.22 16.60 1.59
CA ALA B 178 -22.75 16.86 0.23
C ALA B 178 -21.64 15.84 -0.04
N TRP B 179 -21.81 14.99 -1.03
CA TRP B 179 -20.88 13.87 -1.24
C TRP B 179 -19.98 14.09 -2.41
N LEU B 180 -18.72 13.69 -2.25
CA LEU B 180 -17.78 13.68 -3.38
C LEU B 180 -18.00 12.41 -4.24
N GLY B 181 -18.17 12.59 -5.54
CA GLY B 181 -18.32 11.40 -6.40
C GLY B 181 -17.96 11.73 -7.82
N ALA B 182 -17.99 10.70 -8.67
CA ALA B 182 -17.80 10.96 -10.11
C ALA B 182 -19.00 11.74 -10.64
N SER B 183 -18.80 13.01 -11.00
CA SER B 183 -19.91 13.91 -11.33
C SER B 183 -19.44 15.21 -11.95
N GLN B 184 -20.37 15.94 -12.56
CA GLN B 184 -20.05 17.15 -13.29
C GLN B 184 -20.83 18.31 -12.69
N PRO B 185 -20.24 19.50 -12.63
CA PRO B 185 -18.88 19.87 -12.98
C PRO B 185 -17.90 19.41 -11.89
N PRO B 186 -16.61 19.39 -12.22
CA PRO B 186 -15.58 19.05 -11.24
C PRO B 186 -15.54 20.06 -10.10
N HIS B 187 -15.21 19.57 -8.90
CA HIS B 187 -15.11 20.45 -7.73
C HIS B 187 -13.69 20.99 -7.76
N VAL B 188 -13.55 22.32 -7.97
CA VAL B 188 -12.20 22.92 -8.15
C VAL B 188 -11.58 23.26 -6.81
N VAL B 189 -10.37 22.75 -6.59
CA VAL B 189 -9.74 22.80 -5.27
C VAL B 189 -8.31 23.36 -5.23
N VAL B 190 -7.90 23.78 -4.05
CA VAL B 190 -6.49 24.13 -3.78
C VAL B 190 -6.09 23.38 -2.51
N PHE B 191 -4.78 23.27 -2.28
CA PHE B 191 -4.29 22.41 -1.18
C PHE B 191 -3.59 23.28 -0.16
N LYS B 192 -4.17 23.34 1.03
CA LYS B 192 -3.60 24.10 2.14
C LYS B 192 -2.83 23.22 3.11
N LYS B 193 -1.53 23.45 3.19
CA LYS B 193 -0.72 22.60 4.07
C LYS B 193 -1.16 22.69 5.54
N ALA B 194 -1.35 21.59 6.21
CA ALA B 194 -1.60 21.56 7.62
C ALA B 194 -0.24 21.68 8.30
#